data_3KSU
#
_entry.id   3KSU
#
_cell.length_a   69.589
_cell.length_b   84.207
_cell.length_c   87.872
_cell.angle_alpha   90.00
_cell.angle_beta   90.00
_cell.angle_gamma   90.00
#
_symmetry.space_group_name_H-M   'P 21 21 21'
#
loop_
_entity.id
_entity.type
_entity.pdbx_description
1 polymer '3-oxoacyl-acyl carrier protein reductase'
2 water water
#
_entity_poly.entity_id   1
_entity_poly.type   'polypeptide(L)'
_entity_poly.pdbx_seq_one_letter_code
;MSLTKYHDLKNKVIVIAGGIKNLGALTAKTFALESVNLVLHYHQAKDSDTANKLKDELEDQGAKVALYQSDLSNEEEVAK
LFDFAEKEFGKVDIAINTVGKVLKKPIVETSEAEFDAMDTINNKVAYFFIKQAAKHMNPNGHIITIATSLLAAYTGFYST
YAGNKAPVEHYTRAASKELMKQQISVNAIAPGPMDTSFFYGQETKESTAFHKSQAMGNQLTKIEDIAPIIKFLTTDGWWI
NGQTIFANGGYTTREGHHHHHH
;
_entity_poly.pdbx_strand_id   A,B
#
# COMPACT_ATOMS: atom_id res chain seq x y z
N THR A 4 19.33 4.18 -0.99
CA THR A 4 18.26 5.00 -1.63
C THR A 4 16.92 4.88 -0.90
N LYS A 5 16.76 3.78 -0.15
CA LYS A 5 15.67 3.62 0.80
C LYS A 5 16.08 4.29 2.12
N TYR A 6 15.13 4.94 2.79
CA TYR A 6 15.40 5.55 4.09
C TYR A 6 15.65 4.51 5.17
N HIS A 7 16.89 4.48 5.63
CA HIS A 7 17.30 3.65 6.77
C HIS A 7 16.73 4.26 8.05
N ASP A 8 16.62 5.58 8.04
CA ASP A 8 16.21 6.35 9.19
C ASP A 8 15.32 7.52 8.73
N LEU A 9 14.29 7.82 9.51
CA LEU A 9 13.37 8.90 9.19
C LEU A 9 13.54 10.13 10.10
N LYS A 10 14.67 10.20 10.82
CA LYS A 10 14.93 11.34 11.70
C LYS A 10 15.69 12.47 10.97
N ASN A 11 15.54 13.70 11.49
CA ASN A 11 16.01 14.96 10.87
C ASN A 11 15.33 15.32 9.54
N LYS A 12 14.20 14.68 9.26
CA LYS A 12 13.55 14.82 7.96
C LYS A 12 12.47 15.88 7.96
N VAL A 13 12.29 16.52 6.81
CA VAL A 13 11.38 17.66 6.72
C VAL A 13 10.08 17.27 6.04
N ILE A 14 8.97 17.45 6.76
CA ILE A 14 7.65 16.97 6.33
C ILE A 14 6.62 18.09 6.31
N VAL A 15 6.01 18.30 5.15
CA VAL A 15 4.89 19.25 5.01
C VAL A 15 3.59 18.47 5.01
N ILE A 16 2.65 18.86 5.88
CA ILE A 16 1.29 18.36 5.81
C ILE A 16 0.28 19.51 5.61
N ALA A 17 -0.36 19.55 4.44
CA ALA A 17 -1.51 20.43 4.20
C ALA A 17 -2.73 19.89 4.92
N GLY A 18 -3.30 20.67 5.83
CA GLY A 18 -4.40 20.23 6.67
C GLY A 18 -3.92 19.35 7.82
N GLY A 19 -2.83 19.75 8.46
CA GLY A 19 -2.14 18.88 9.42
C GLY A 19 -2.47 19.04 10.89
N ILE A 20 -3.57 19.73 11.20
CA ILE A 20 -3.87 20.04 12.61
C ILE A 20 -5.07 19.30 13.21
N LYS A 21 -5.95 18.79 12.34
CA LYS A 21 -7.10 18.02 12.77
C LYS A 21 -7.28 16.79 11.86
N ASN A 22 -8.12 15.86 12.32
CA ASN A 22 -8.54 14.68 11.53
C ASN A 22 -7.38 13.78 11.08
N LEU A 23 -7.38 13.43 9.79
CA LEU A 23 -6.30 12.61 9.20
C LEU A 23 -4.92 13.28 9.32
N GLY A 24 -4.88 14.58 9.03
CA GLY A 24 -3.64 15.36 9.11
C GLY A 24 -2.91 15.33 10.44
N ALA A 25 -3.65 15.50 11.54
CA ALA A 25 -3.09 15.47 12.90
C ALA A 25 -2.59 14.07 13.27
N LEU A 26 -3.35 13.06 12.87
CA LEU A 26 -2.99 11.66 13.12
C LEU A 26 -1.76 11.25 12.32
N THR A 27 -1.64 11.80 11.11
CA THR A 27 -0.46 11.62 10.27
C THR A 27 0.78 12.24 10.91
N ALA A 28 0.59 13.42 11.52
CA ALA A 28 1.68 14.14 12.19
C ALA A 28 2.19 13.40 13.42
N LYS A 29 1.27 12.83 14.20
CA LYS A 29 1.63 12.08 15.42
C LYS A 29 2.40 10.81 15.08
N THR A 30 2.02 10.18 13.98
CA THR A 30 2.65 8.98 13.46
C THR A 30 4.09 9.25 13.00
N PHE A 31 4.29 10.42 12.39
CA PHE A 31 5.64 10.83 12.00
C PHE A 31 6.50 11.27 13.18
N ALA A 32 5.86 11.85 14.20
CA ALA A 32 6.58 12.42 15.36
C ALA A 32 7.12 11.40 16.36
N LEU A 33 7.08 10.11 16.01
CA LEU A 33 7.71 9.05 16.79
C LEU A 33 9.23 9.16 16.70
N GLU A 34 9.71 9.74 15.61
CA GLU A 34 11.14 10.04 15.42
C GLU A 34 11.39 11.55 15.48
N SER A 35 12.66 11.94 15.55
CA SER A 35 13.06 13.35 15.62
C SER A 35 12.91 14.05 14.27
N VAL A 36 11.68 14.46 13.98
CA VAL A 36 11.31 14.87 12.63
C VAL A 36 10.87 16.34 12.59
N ASN A 37 11.02 16.98 11.44
CA ASN A 37 10.68 18.40 11.29
C ASN A 37 9.35 18.59 10.56
N LEU A 38 8.33 19.02 11.29
CA LEU A 38 6.98 19.10 10.74
C LEU A 38 6.58 20.55 10.49
N VAL A 39 6.24 20.86 9.24
CA VAL A 39 5.50 22.08 8.99
C VAL A 39 4.04 21.72 8.73
N LEU A 40 3.19 22.20 9.63
CA LEU A 40 1.77 21.88 9.61
C LEU A 40 0.94 23.04 9.12
N HIS A 41 0.26 22.84 7.99
CA HIS A 41 -0.66 23.83 7.45
C HIS A 41 -2.07 23.66 8.01
N TYR A 42 -2.79 24.76 8.14
CA TYR A 42 -4.23 24.74 8.41
C TYR A 42 -4.97 25.89 7.75
N HIS A 43 -6.18 25.60 7.28
CA HIS A 43 -6.97 26.54 6.48
C HIS A 43 -7.53 27.74 7.25
N GLN A 44 -8.15 27.48 8.38
CA GLN A 44 -8.94 28.49 9.07
C GLN A 44 -8.21 29.05 10.29
N ALA A 45 -8.14 30.38 10.35
CA ALA A 45 -7.44 31.12 11.40
C ALA A 45 -8.00 30.89 12.81
N LYS A 46 -9.28 30.51 12.91
CA LYS A 46 -9.93 30.27 14.21
C LYS A 46 -9.51 28.94 14.86
N ASP A 47 -8.86 28.08 14.09
CA ASP A 47 -8.38 26.78 14.57
C ASP A 47 -6.95 26.88 15.13
N SER A 48 -6.50 28.10 15.41
CA SER A 48 -5.15 28.38 15.91
C SER A 48 -4.86 27.73 17.27
N ASP A 49 -5.87 27.66 18.13
CA ASP A 49 -5.73 27.03 19.44
C ASP A 49 -5.63 25.51 19.37
N THR A 50 -6.30 24.91 18.38
CA THR A 50 -6.18 23.48 18.12
C THR A 50 -4.78 23.18 17.57
N ALA A 51 -4.32 24.01 16.64
CA ALA A 51 -2.97 23.94 16.07
C ALA A 51 -1.87 24.04 17.14
N ASN A 52 -1.99 25.02 18.04
CA ASN A 52 -1.01 25.24 19.10
C ASN A 52 -1.02 24.17 20.18
N LYS A 53 -2.20 23.60 20.43
CA LYS A 53 -2.34 22.45 21.34
C LYS A 53 -1.59 21.26 20.76
N LEU A 54 -1.80 21.01 19.46
CA LEU A 54 -1.13 19.91 18.77
C LEU A 54 0.38 20.13 18.67
N LYS A 55 0.78 21.35 18.32
CA LYS A 55 2.19 21.75 18.32
C LYS A 55 2.86 21.42 19.65
N ASP A 56 2.21 21.78 20.76
CA ASP A 56 2.70 21.53 22.11
C ASP A 56 2.92 20.06 22.45
N GLU A 57 2.01 19.18 22.04
CA GLU A 57 2.16 17.75 22.33
C GLU A 57 3.15 17.06 21.39
N LEU A 58 3.27 17.55 20.16
CA LEU A 58 4.22 17.02 19.18
C LEU A 58 5.66 17.40 19.51
N GLU A 59 5.83 18.55 20.16
CA GLU A 59 7.13 18.98 20.65
C GLU A 59 7.58 18.10 21.82
N ASP A 60 6.59 17.59 22.57
CA ASP A 60 6.83 16.64 23.66
C ASP A 60 6.95 15.19 23.17
N GLN A 61 6.70 14.98 21.87
CA GLN A 61 7.06 13.70 21.22
C GLN A 61 8.53 13.71 20.79
N GLY A 62 9.15 14.88 20.81
CA GLY A 62 10.54 15.06 20.40
C GLY A 62 10.71 15.53 18.97
N ALA A 63 9.67 16.18 18.43
CA ALA A 63 9.67 16.68 17.06
C ALA A 63 9.66 18.21 17.02
N LYS A 64 10.15 18.79 15.92
CA LYS A 64 10.08 20.23 15.71
C LYS A 64 8.89 20.59 14.81
N VAL A 65 8.19 21.67 15.18
CA VAL A 65 6.91 22.01 14.58
C VAL A 65 6.82 23.49 14.22
N ALA A 66 6.66 23.77 12.93
CA ALA A 66 6.33 25.10 12.47
C ALA A 66 4.89 25.11 11.97
N LEU A 67 4.11 26.11 12.36
CA LEU A 67 2.72 26.21 11.92
C LEU A 67 2.62 27.21 10.79
N TYR A 68 1.63 27.03 9.92
CA TYR A 68 1.41 27.91 8.79
C TYR A 68 -0.07 27.97 8.40
N GLN A 69 -0.71 29.11 8.65
CA GLN A 69 -2.10 29.28 8.27
C GLN A 69 -2.17 29.88 6.87
N SER A 70 -3.14 29.40 6.09
CA SER A 70 -3.43 29.94 4.74
C SER A 70 -4.72 29.35 4.23
N ASP A 71 -5.40 30.08 3.34
CA ASP A 71 -6.58 29.55 2.66
C ASP A 71 -6.18 28.47 1.65
N LEU A 72 -4.94 28.56 1.17
CA LEU A 72 -4.30 27.61 0.25
C LEU A 72 -5.18 27.32 -0.98
N SER A 73 -5.47 28.38 -1.73
CA SER A 73 -6.50 28.31 -2.78
C SER A 73 -5.98 28.62 -4.19
N ASN A 74 -4.80 29.23 -4.27
CA ASN A 74 -4.13 29.49 -5.54
C ASN A 74 -2.68 29.01 -5.52
N GLU A 75 -2.01 29.05 -6.66
CA GLU A 75 -0.61 28.64 -6.75
C GLU A 75 0.33 29.48 -5.88
N GLU A 76 0.02 30.77 -5.76
CA GLU A 76 0.80 31.72 -4.96
C GLU A 76 0.82 31.33 -3.49
N GLU A 77 -0.34 31.00 -2.96
CA GLU A 77 -0.47 30.56 -1.56
C GLU A 77 0.19 29.20 -1.31
N VAL A 78 0.12 28.31 -2.30
CA VAL A 78 0.79 27.00 -2.25
C VAL A 78 2.30 27.17 -2.30
N ALA A 79 2.79 28.01 -3.23
CA ALA A 79 4.21 28.36 -3.33
C ALA A 79 4.79 28.89 -2.02
N LYS A 80 4.04 29.80 -1.39
CA LYS A 80 4.44 30.43 -0.12
C LYS A 80 4.48 29.45 1.06
N LEU A 81 3.68 28.38 0.99
CA LEU A 81 3.75 27.31 2.00
C LEU A 81 5.11 26.61 1.94
N PHE A 82 5.55 26.28 0.73
CA PHE A 82 6.83 25.59 0.59
C PHE A 82 8.05 26.51 0.74
N ASP A 83 7.86 27.80 0.45
CA ASP A 83 8.84 28.85 0.74
C ASP A 83 9.08 28.94 2.23
N PHE A 84 7.98 29.02 2.98
CA PHE A 84 7.98 28.99 4.45
C PHE A 84 8.69 27.76 5.01
N ALA A 85 8.46 26.61 4.38
CA ALA A 85 9.04 25.34 4.80
C ALA A 85 10.56 25.35 4.65
N GLU A 86 11.02 25.76 3.48
CA GLU A 86 12.45 25.90 3.18
C GLU A 86 13.15 26.92 4.08
N LYS A 87 12.43 27.99 4.40
CA LYS A 87 12.96 29.06 5.24
C LYS A 87 13.29 28.57 6.64
N GLU A 88 12.45 27.67 7.17
CA GLU A 88 12.59 27.25 8.57
C GLU A 88 13.34 25.94 8.81
N PHE A 89 13.27 25.01 7.86
CA PHE A 89 13.87 23.69 8.05
C PHE A 89 14.80 23.27 6.91
N GLY A 90 14.86 24.07 5.85
CA GLY A 90 15.57 23.67 4.65
C GLY A 90 14.67 22.86 3.74
N LYS A 91 15.26 22.30 2.69
CA LYS A 91 14.53 21.55 1.66
C LYS A 91 13.66 20.40 2.18
N VAL A 92 12.51 20.24 1.54
CA VAL A 92 11.49 19.31 2.01
C VAL A 92 11.84 17.88 1.58
N ASP A 93 11.48 16.91 2.41
CA ASP A 93 11.68 15.51 2.09
C ASP A 93 10.35 14.80 1.77
N ILE A 94 9.31 15.13 2.52
CA ILE A 94 8.02 14.47 2.40
C ILE A 94 6.91 15.54 2.42
N ALA A 95 6.05 15.54 1.40
CA ALA A 95 4.92 16.45 1.32
C ALA A 95 3.58 15.71 1.25
N ILE A 96 2.66 16.01 2.17
CA ILE A 96 1.36 15.33 2.27
C ILE A 96 0.18 16.29 2.13
N ASN A 97 -0.63 16.11 1.09
CA ASN A 97 -1.87 16.87 0.94
C ASN A 97 -3.07 16.02 1.41
N THR A 98 -3.59 16.31 2.59
CA THR A 98 -4.66 15.50 3.18
C THR A 98 -6.07 16.01 2.93
N VAL A 99 -6.23 17.33 2.87
CA VAL A 99 -7.57 17.92 2.70
C VAL A 99 -7.56 19.26 1.93
N GLY A 100 -8.61 19.46 1.13
CA GLY A 100 -8.89 20.76 0.54
C GLY A 100 -9.77 21.57 1.48
N LYS A 101 -10.55 22.50 0.94
CA LYS A 101 -11.48 23.24 1.79
C LYS A 101 -12.75 22.43 2.06
N VAL A 102 -13.25 22.55 3.29
CA VAL A 102 -14.40 21.79 3.75
C VAL A 102 -15.72 22.52 3.50
N LEU A 103 -16.84 21.86 3.81
CA LEU A 103 -18.16 22.41 3.57
C LEU A 103 -18.55 23.44 4.62
N LYS A 104 -19.10 24.55 4.14
CA LYS A 104 -19.58 25.64 5.00
C LYS A 104 -21.10 25.71 4.96
N LYS A 105 -21.67 24.87 4.09
CA LYS A 105 -23.12 24.75 3.91
C LYS A 105 -23.51 23.31 4.26
N PRO A 106 -24.76 23.07 4.72
CA PRO A 106 -25.24 21.70 4.78
C PRO A 106 -25.30 21.03 3.40
N ILE A 107 -25.07 19.71 3.38
CA ILE A 107 -25.07 18.89 2.17
C ILE A 107 -26.47 18.91 1.49
N VAL A 108 -27.51 18.91 2.30
CA VAL A 108 -28.90 19.00 1.84
C VAL A 108 -29.17 20.28 1.03
N GLU A 109 -28.47 21.35 1.39
CA GLU A 109 -28.65 22.66 0.77
C GLU A 109 -27.63 22.94 -0.34
N THR A 110 -26.86 21.91 -0.71
CA THR A 110 -25.83 22.02 -1.75
C THR A 110 -26.20 21.20 -2.97
N SER A 111 -26.02 21.78 -4.15
CA SER A 111 -26.35 21.13 -5.41
C SER A 111 -25.16 20.43 -6.03
N GLU A 112 -25.42 19.70 -7.12
CA GLU A 112 -24.43 18.87 -7.78
C GLU A 112 -23.36 19.71 -8.48
N ALA A 113 -23.76 20.88 -8.97
CA ALA A 113 -22.88 21.81 -9.65
C ALA A 113 -21.90 22.50 -8.69
N GLU A 114 -22.37 22.84 -7.48
CA GLU A 114 -21.49 23.46 -6.48
C GLU A 114 -20.57 22.49 -5.75
N PHE A 115 -20.91 21.19 -5.78
CA PHE A 115 -20.01 20.15 -5.31
C PHE A 115 -18.89 19.93 -6.32
N ASP A 116 -19.26 19.89 -7.60
CA ASP A 116 -18.33 19.70 -8.71
C ASP A 116 -17.37 20.88 -8.85
N ALA A 117 -17.86 22.08 -8.56
CA ALA A 117 -17.04 23.29 -8.54
C ALA A 117 -16.02 23.28 -7.40
N MET A 118 -16.40 22.69 -6.27
CA MET A 118 -15.48 22.51 -5.14
C MET A 118 -14.39 21.49 -5.46
N ASP A 119 -14.74 20.49 -6.27
CA ASP A 119 -13.78 19.50 -6.73
C ASP A 119 -12.73 20.10 -7.67
N THR A 120 -13.19 20.99 -8.56
CA THR A 120 -12.34 21.64 -9.55
C THR A 120 -11.28 22.52 -8.87
N ILE A 121 -11.68 23.23 -7.83
CA ILE A 121 -10.78 24.03 -7.00
C ILE A 121 -9.75 23.13 -6.27
N ASN A 122 -10.23 22.09 -5.59
CA ASN A 122 -9.37 21.14 -4.87
C ASN A 122 -8.41 20.37 -5.78
N ASN A 123 -8.87 20.02 -6.98
CA ASN A 123 -8.00 19.41 -7.99
C ASN A 123 -6.89 20.34 -8.47
N LYS A 124 -7.22 21.62 -8.60
CA LYS A 124 -6.25 22.63 -9.03
C LYS A 124 -5.17 22.86 -7.97
N VAL A 125 -5.59 23.00 -6.72
CA VAL A 125 -4.70 23.13 -5.56
C VAL A 125 -3.79 21.90 -5.37
N ALA A 126 -4.34 20.71 -5.60
CA ALA A 126 -3.57 19.47 -5.48
C ALA A 126 -2.51 19.34 -6.56
N TYR A 127 -2.84 19.77 -7.78
CA TYR A 127 -1.87 19.89 -8.87
C TYR A 127 -0.73 20.87 -8.51
N PHE A 128 -1.10 22.04 -7.97
CA PHE A 128 -0.13 23.04 -7.52
C PHE A 128 0.70 22.55 -6.33
N PHE A 129 0.09 21.77 -5.44
CA PHE A 129 0.78 21.22 -4.28
C PHE A 129 1.93 20.33 -4.73
N ILE A 130 1.62 19.42 -5.65
CA ILE A 130 2.61 18.51 -6.23
C ILE A 130 3.73 19.29 -6.91
N LYS A 131 3.36 20.24 -7.76
CA LYS A 131 4.30 21.09 -8.49
C LYS A 131 5.23 21.88 -7.56
N GLN A 132 4.67 22.49 -6.52
CA GLN A 132 5.45 23.34 -5.61
C GLN A 132 6.27 22.55 -4.60
N ALA A 133 5.81 21.36 -4.26
CA ALA A 133 6.55 20.47 -3.37
C ALA A 133 7.87 20.08 -4.00
N ALA A 134 7.79 19.61 -5.24
CA ALA A 134 8.95 19.13 -6.00
C ALA A 134 10.04 20.17 -6.21
N LYS A 135 9.65 21.43 -6.37
CA LYS A 135 10.58 22.54 -6.58
C LYS A 135 11.31 22.96 -5.31
N HIS A 136 10.86 22.44 -4.16
CA HIS A 136 11.44 22.73 -2.87
C HIS A 136 11.89 21.44 -2.17
N MET A 137 12.13 20.40 -2.96
CA MET A 137 12.28 19.04 -2.41
C MET A 137 13.67 18.47 -2.65
N ASN A 138 14.21 17.77 -1.65
CA ASN A 138 15.42 16.98 -1.78
C ASN A 138 15.20 15.81 -2.73
N PRO A 139 16.28 15.26 -3.35
CA PRO A 139 16.12 13.97 -4.04
C PRO A 139 15.74 12.85 -3.07
N ASN A 140 15.17 11.77 -3.61
CA ASN A 140 14.61 10.67 -2.83
C ASN A 140 13.39 11.08 -1.99
N GLY A 141 12.69 12.13 -2.43
CA GLY A 141 11.54 12.67 -1.71
C GLY A 141 10.20 12.04 -2.07
N HIS A 142 9.17 12.34 -1.26
CA HIS A 142 7.85 11.73 -1.42
C HIS A 142 6.71 12.75 -1.44
N ILE A 143 5.89 12.71 -2.48
CA ILE A 143 4.64 13.49 -2.50
C ILE A 143 3.44 12.55 -2.42
N ILE A 144 2.50 12.85 -1.53
CA ILE A 144 1.29 12.04 -1.34
C ILE A 144 0.05 12.93 -1.24
N THR A 145 -0.92 12.69 -2.11
CA THR A 145 -2.19 13.40 -2.10
C THR A 145 -3.26 12.42 -1.63
N ILE A 146 -4.10 12.85 -0.70
CA ILE A 146 -5.25 12.08 -0.29
C ILE A 146 -6.42 12.47 -1.21
N ALA A 147 -6.81 11.55 -2.09
CA ALA A 147 -7.81 11.83 -3.11
C ALA A 147 -9.23 11.55 -2.64
N THR A 148 -9.98 12.62 -2.41
CA THR A 148 -11.40 12.52 -2.09
C THR A 148 -12.16 13.42 -3.05
N SER A 149 -13.33 12.97 -3.47
CA SER A 149 -14.20 13.76 -4.31
C SER A 149 -15.52 14.01 -3.57
N LEU A 150 -15.86 15.30 -3.44
CA LEU A 150 -17.08 15.73 -2.74
C LEU A 150 -18.34 15.36 -3.50
N LEU A 151 -18.25 15.41 -4.83
CA LEU A 151 -19.34 15.01 -5.72
C LEU A 151 -19.56 13.50 -5.69
N ALA A 152 -18.47 12.73 -5.69
CA ALA A 152 -18.55 11.27 -5.64
C ALA A 152 -19.10 10.76 -4.30
N ALA A 153 -18.79 11.48 -3.22
CA ALA A 153 -19.31 11.19 -1.89
C ALA A 153 -20.80 11.51 -1.76
N TYR A 154 -21.25 12.52 -2.48
CA TYR A 154 -22.64 12.96 -2.44
C TYR A 154 -23.55 12.05 -3.25
N THR A 155 -23.08 11.65 -4.43
CA THR A 155 -23.83 10.78 -5.34
C THR A 155 -23.63 9.29 -5.03
N GLY A 156 -22.55 8.97 -4.31
CA GLY A 156 -22.26 7.59 -3.90
C GLY A 156 -21.40 6.84 -4.90
N PHE A 157 -21.05 7.50 -6.00
CA PHE A 157 -20.25 6.91 -7.08
C PHE A 157 -18.75 6.94 -6.80
N TYR A 158 -18.29 6.06 -5.91
CA TYR A 158 -16.86 5.92 -5.63
C TYR A 158 -16.22 4.95 -6.62
N SER A 159 -15.04 5.31 -7.12
CA SER A 159 -14.25 4.42 -7.96
C SER A 159 -13.26 3.60 -7.11
N THR A 160 -12.92 2.42 -7.59
CA THR A 160 -11.98 1.53 -6.87
C THR A 160 -10.92 0.94 -7.82
N ALA A 166 -10.55 10.45 -13.31
CA ALA A 166 -10.21 11.05 -12.04
C ALA A 166 -8.91 11.87 -12.13
N PRO A 167 -9.01 13.20 -11.94
CA PRO A 167 -7.93 14.17 -12.12
C PRO A 167 -6.69 13.95 -11.27
N VAL A 168 -6.86 13.68 -9.97
CA VAL A 168 -5.73 13.49 -9.06
C VAL A 168 -4.91 12.22 -9.40
N GLU A 169 -5.58 11.18 -9.88
CA GLU A 169 -4.92 9.98 -10.41
C GLU A 169 -4.09 10.29 -11.66
N HIS A 170 -4.60 11.20 -12.50
CA HIS A 170 -3.88 11.67 -13.67
C HIS A 170 -2.69 12.56 -13.30
N TYR A 171 -2.87 13.47 -12.34
CA TYR A 171 -1.78 14.34 -11.89
C TYR A 171 -0.67 13.54 -11.21
N THR A 172 -1.06 12.49 -10.49
CA THR A 172 -0.14 11.60 -9.78
C THR A 172 0.77 10.81 -10.73
N ARG A 173 0.19 10.31 -11.78
CA ARG A 173 0.89 9.49 -12.70
C ARG A 173 1.81 10.30 -13.60
N ALA A 174 1.34 11.44 -14.04
CA ALA A 174 2.10 12.38 -14.87
C ALA A 174 3.24 13.06 -14.12
N ALA A 175 3.02 13.39 -12.85
CA ALA A 175 4.07 14.03 -12.04
C ALA A 175 5.14 13.05 -11.61
N SER A 176 4.78 11.78 -11.42
CA SER A 176 5.76 10.74 -11.10
C SER A 176 6.70 10.45 -12.27
N LYS A 177 6.16 10.50 -13.49
CA LYS A 177 6.95 10.39 -14.71
C LYS A 177 7.94 11.55 -14.88
N GLU A 178 7.48 12.78 -14.62
CA GLU A 178 8.30 13.98 -14.79
C GLU A 178 9.38 14.15 -13.71
N LEU A 179 9.16 13.55 -12.54
CA LEU A 179 10.08 13.70 -11.42
C LEU A 179 10.95 12.47 -11.21
N MET A 180 10.92 11.58 -12.20
CA MET A 180 11.70 10.34 -12.21
C MET A 180 13.19 10.63 -12.09
N LYS A 181 13.67 11.59 -12.89
CA LYS A 181 15.07 12.01 -12.89
C LYS A 181 15.46 12.65 -11.57
N GLN A 182 14.56 13.45 -11.01
CA GLN A 182 14.75 14.11 -9.72
CA GLN A 182 14.77 14.11 -9.72
C GLN A 182 14.62 13.12 -8.55
N GLN A 183 14.13 11.92 -8.87
CA GLN A 183 13.93 10.80 -7.91
C GLN A 183 12.88 11.06 -6.82
N ILE A 184 11.80 11.74 -7.21
CA ILE A 184 10.67 12.02 -6.34
C ILE A 184 9.54 11.01 -6.56
N SER A 185 9.14 10.33 -5.48
CA SER A 185 7.91 9.54 -5.46
C SER A 185 6.66 10.43 -5.48
N VAL A 186 5.72 10.13 -6.38
CA VAL A 186 4.40 10.78 -6.38
C VAL A 186 3.30 9.72 -6.33
N ASN A 187 2.56 9.69 -5.22
CA ASN A 187 1.47 8.73 -5.04
C ASN A 187 0.19 9.37 -4.52
N ALA A 188 -0.90 8.60 -4.55
CA ALA A 188 -2.17 9.05 -4.00
C ALA A 188 -2.83 7.91 -3.24
N ILE A 189 -3.59 8.24 -2.21
CA ILE A 189 -4.41 7.28 -1.50
C ILE A 189 -5.85 7.76 -1.65
N ALA A 190 -6.72 6.89 -2.13
CA ALA A 190 -8.14 7.20 -2.26
C ALA A 190 -8.93 6.38 -1.25
N PRO A 191 -9.34 7.01 -0.13
CA PRO A 191 -10.13 6.32 0.89
C PRO A 191 -11.54 6.02 0.40
N GLY A 192 -12.17 5.02 0.99
CA GLY A 192 -13.57 4.76 0.72
C GLY A 192 -14.45 5.76 1.43
N PRO A 193 -15.79 5.53 1.40
CA PRO A 193 -16.76 6.40 2.06
C PRO A 193 -16.37 6.63 3.52
N MET A 194 -16.39 7.89 3.94
CA MET A 194 -16.07 8.24 5.31
C MET A 194 -17.26 8.92 5.98
N ASP A 195 -17.14 9.19 7.27
CA ASP A 195 -18.19 9.88 8.03
C ASP A 195 -18.37 11.31 7.56
N THR A 196 -19.63 11.77 7.58
CA THR A 196 -20.02 13.14 7.20
C THR A 196 -19.20 14.24 7.90
N SER A 197 -18.86 14.02 9.16
CA SER A 197 -18.07 14.95 9.99
C SER A 197 -16.77 15.49 9.36
N PHE A 198 -16.05 14.62 8.65
CA PHE A 198 -14.76 14.96 8.03
C PHE A 198 -14.87 15.96 6.88
N PHE A 199 -16.02 15.97 6.23
CA PHE A 199 -16.28 16.88 5.12
C PHE A 199 -16.86 18.21 5.59
N TYR A 200 -17.23 18.28 6.87
CA TYR A 200 -17.46 19.56 7.53
C TYR A 200 -16.17 19.99 8.24
N GLY A 201 -15.25 19.04 8.39
CA GLY A 201 -13.97 19.26 9.09
C GLY A 201 -14.18 19.41 10.58
N GLN A 202 -14.63 18.34 11.22
CA GLN A 202 -15.00 18.38 12.64
C GLN A 202 -14.09 17.53 13.54
N GLU A 203 -14.21 16.21 13.42
CA GLU A 203 -13.65 15.20 14.36
C GLU A 203 -12.23 15.47 14.84
N MET A 216 -26.03 0.36 14.86
CA MET A 216 -25.48 0.41 13.50
C MET A 216 -23.99 0.11 13.47
N GLY A 217 -23.55 -0.50 12.37
CA GLY A 217 -22.14 -0.82 12.14
C GLY A 217 -21.50 0.08 11.11
N ASN A 218 -20.20 -0.09 10.91
CA ASN A 218 -19.44 0.79 10.04
C ASN A 218 -18.74 0.09 8.86
N GLN A 219 -19.22 0.38 7.66
CA GLN A 219 -18.53 0.03 6.42
C GLN A 219 -17.74 1.27 5.93
N LEU A 220 -17.49 2.20 6.86
CA LEU A 220 -16.81 3.45 6.55
C LEU A 220 -15.31 3.36 6.81
N THR A 221 -14.54 4.01 5.94
CA THR A 221 -13.11 4.14 6.12
C THR A 221 -12.84 5.08 7.30
N LYS A 222 -11.96 4.65 8.19
CA LYS A 222 -11.54 5.44 9.34
C LYS A 222 -10.17 6.02 9.04
N ILE A 223 -9.84 7.15 9.68
CA ILE A 223 -8.55 7.81 9.48
C ILE A 223 -7.38 6.97 10.01
N GLU A 224 -7.69 6.14 11.00
CA GLU A 224 -6.76 5.21 11.64
C GLU A 224 -6.30 4.11 10.68
N ASP A 225 -7.05 3.92 9.60
CA ASP A 225 -6.75 2.97 8.55
C ASP A 225 -5.97 3.57 7.37
N ILE A 226 -5.93 4.91 7.30
CA ILE A 226 -5.27 5.62 6.20
C ILE A 226 -3.89 6.16 6.57
N ALA A 227 -3.75 6.65 7.81
CA ALA A 227 -2.50 7.18 8.33
C ALA A 227 -1.28 6.24 8.25
N PRO A 228 -1.43 4.95 8.64
CA PRO A 228 -0.27 4.05 8.49
C PRO A 228 0.12 3.70 7.04
N ILE A 229 -0.77 3.91 6.08
CA ILE A 229 -0.42 3.78 4.67
C ILE A 229 0.49 4.93 4.24
N ILE A 230 0.19 6.12 4.75
CA ILE A 230 1.01 7.30 4.48
C ILE A 230 2.44 7.08 4.98
N LYS A 231 2.56 6.64 6.23
CA LYS A 231 3.87 6.36 6.83
C LYS A 231 4.63 5.26 6.08
N PHE A 232 3.91 4.19 5.73
CA PHE A 232 4.49 3.06 4.97
C PHE A 232 5.08 3.46 3.63
N LEU A 233 4.30 4.21 2.86
CA LEU A 233 4.71 4.67 1.52
C LEU A 233 6.02 5.47 1.50
N THR A 234 6.22 6.29 2.53
CA THR A 234 7.43 7.10 2.68
C THR A 234 8.62 6.31 3.23
N THR A 235 8.36 5.11 3.74
CA THR A 235 9.41 4.31 4.38
C THR A 235 9.65 3.01 3.63
N ASP A 236 9.06 1.92 4.10
CA ASP A 236 9.26 0.59 3.52
C ASP A 236 8.56 0.40 2.16
N GLY A 237 7.57 1.25 1.88
CA GLY A 237 6.83 1.21 0.62
C GLY A 237 7.33 2.15 -0.45
N TRP A 238 8.58 2.60 -0.29
CA TRP A 238 9.22 3.59 -1.16
C TRP A 238 9.26 3.23 -2.66
N TRP A 239 9.15 1.95 -2.97
CA TRP A 239 9.20 1.49 -4.35
C TRP A 239 7.87 1.66 -5.10
N ILE A 240 6.80 1.92 -4.34
CA ILE A 240 5.51 2.25 -4.94
C ILE A 240 5.53 3.69 -5.45
N ASN A 241 5.37 3.84 -6.76
CA ASN A 241 5.48 5.14 -7.41
C ASN A 241 4.50 5.26 -8.58
N GLY A 242 3.85 6.43 -8.69
CA GLY A 242 2.86 6.66 -9.73
C GLY A 242 1.50 6.09 -9.44
N GLN A 243 1.27 5.70 -8.19
CA GLN A 243 0.12 4.87 -7.87
C GLN A 243 -0.93 5.58 -7.05
N THR A 244 -2.19 5.24 -7.35
CA THR A 244 -3.32 5.58 -6.49
C THR A 244 -3.75 4.32 -5.76
N ILE A 245 -3.59 4.32 -4.44
CA ILE A 245 -4.00 3.18 -3.62
C ILE A 245 -5.44 3.40 -3.14
N PHE A 246 -6.32 2.47 -3.46
CA PHE A 246 -7.70 2.56 -3.00
C PHE A 246 -7.82 1.75 -1.71
N ALA A 247 -8.09 2.43 -0.61
CA ALA A 247 -8.18 1.79 0.70
C ALA A 247 -9.59 2.00 1.27
N ASN A 248 -10.44 1.02 1.06
CA ASN A 248 -11.87 1.17 1.25
C ASN A 248 -12.51 -0.04 1.95
N GLY A 249 -11.68 -1.01 2.31
CA GLY A 249 -12.14 -2.25 2.92
C GLY A 249 -12.91 -3.19 2.01
N GLY A 250 -13.07 -2.82 0.74
CA GLY A 250 -13.92 -3.56 -0.19
C GLY A 250 -15.30 -2.92 -0.34
N TYR A 251 -15.54 -1.85 0.41
CA TYR A 251 -16.81 -1.11 0.31
C TYR A 251 -16.70 0.05 -0.67
N THR A 252 -17.49 -0.02 -1.74
CA THR A 252 -17.42 0.94 -2.84
C THR A 252 -18.59 1.93 -2.80
N THR A 253 -19.54 1.67 -1.90
CA THR A 253 -20.74 2.50 -1.80
C THR A 253 -21.26 2.59 -0.36
N ARG A 254 -22.19 3.52 -0.13
CA ARG A 254 -22.83 3.65 1.18
C ARG A 254 -24.32 3.97 1.05
N LYS B 5 -7.84 -5.47 11.62
CA LYS B 5 -7.16 -4.84 12.77
C LYS B 5 -6.40 -5.88 13.58
N TYR B 6 -5.21 -6.23 13.11
CA TYR B 6 -4.39 -7.18 13.85
C TYR B 6 -3.75 -6.55 15.08
N HIS B 7 -3.88 -7.25 16.21
CA HIS B 7 -3.17 -6.92 17.44
C HIS B 7 -1.70 -7.22 17.24
N ASP B 8 -1.40 -8.50 17.04
CA ASP B 8 -0.04 -9.00 16.88
C ASP B 8 0.03 -9.83 15.60
N LEU B 9 1.25 -10.21 15.22
CA LEU B 9 1.44 -11.30 14.26
C LEU B 9 1.77 -12.59 15.01
N LYS B 10 1.74 -12.50 16.35
CA LYS B 10 2.03 -13.62 17.23
C LYS B 10 0.97 -14.72 17.10
N ASN B 11 1.43 -15.96 17.14
CA ASN B 11 0.60 -17.19 17.08
C ASN B 11 -0.13 -17.44 15.75
N LYS B 12 0.20 -16.67 14.72
CA LYS B 12 -0.53 -16.71 13.46
C LYS B 12 -0.04 -17.80 12.50
N VAL B 13 -0.98 -18.34 11.73
CA VAL B 13 -0.68 -19.44 10.82
C VAL B 13 -0.55 -18.89 9.41
N ILE B 14 0.63 -19.07 8.84
CA ILE B 14 0.99 -18.47 7.55
C ILE B 14 1.45 -19.52 6.55
N VAL B 15 0.78 -19.57 5.39
CA VAL B 15 1.14 -20.46 4.29
C VAL B 15 1.82 -19.69 3.19
N ILE B 16 3.03 -20.09 2.82
CA ILE B 16 3.71 -19.49 1.68
C ILE B 16 4.02 -20.51 0.57
N ALA B 17 3.38 -20.32 -0.59
CA ALA B 17 3.69 -21.13 -1.78
C ALA B 17 4.93 -20.58 -2.46
N GLY B 18 5.89 -21.46 -2.74
CA GLY B 18 7.23 -21.06 -3.18
C GLY B 18 7.95 -20.29 -2.09
N GLY B 19 8.08 -20.91 -0.93
CA GLY B 19 8.52 -20.22 0.27
C GLY B 19 9.97 -20.37 0.71
N ILE B 20 10.76 -21.12 -0.04
CA ILE B 20 12.13 -21.44 0.39
C ILE B 20 13.26 -20.73 -0.38
N LYS B 21 12.94 -20.18 -1.54
CA LYS B 21 13.92 -19.40 -2.29
C LYS B 21 13.35 -18.04 -2.69
N ASN B 22 14.26 -17.12 -3.04
CA ASN B 22 13.93 -15.77 -3.53
C ASN B 22 12.98 -14.95 -2.63
N LEU B 23 11.89 -14.46 -3.22
CA LEU B 23 10.90 -13.65 -2.51
C LEU B 23 10.22 -14.38 -1.34
N GLY B 24 9.87 -15.64 -1.56
CA GLY B 24 9.24 -16.48 -0.52
C GLY B 24 10.08 -16.67 0.73
N ALA B 25 11.37 -16.94 0.53
CA ALA B 25 12.33 -17.06 1.64
C ALA B 25 12.44 -15.76 2.42
N LEU B 26 12.54 -14.65 1.69
CA LEU B 26 12.59 -13.32 2.30
C LEU B 26 11.30 -12.98 3.04
N THR B 27 10.15 -13.33 2.44
CA THR B 27 8.84 -13.16 3.07
C THR B 27 8.78 -13.96 4.38
N ALA B 28 9.21 -15.21 4.32
CA ALA B 28 9.30 -16.07 5.51
C ALA B 28 10.14 -15.47 6.63
N LYS B 29 11.32 -14.94 6.27
CA LYS B 29 12.21 -14.29 7.25
C LYS B 29 11.63 -13.01 7.86
N THR B 30 10.83 -12.29 7.08
CA THR B 30 10.16 -11.07 7.52
C THR B 30 9.05 -11.37 8.54
N PHE B 31 8.27 -12.40 8.26
CA PHE B 31 7.20 -12.82 9.17
C PHE B 31 7.72 -13.44 10.46
N ALA B 32 8.82 -14.19 10.37
CA ALA B 32 9.43 -14.88 11.53
C ALA B 32 10.12 -13.98 12.58
N LEU B 33 9.95 -12.67 12.46
CA LEU B 33 10.36 -11.73 13.51
C LEU B 33 9.48 -11.84 14.75
N GLU B 34 8.23 -12.26 14.53
CA GLU B 34 7.29 -12.61 15.58
C GLU B 34 7.08 -14.13 15.59
N SER B 35 6.44 -14.64 16.64
CA SER B 35 6.34 -16.09 16.87
C SER B 35 5.22 -16.76 16.07
N VAL B 36 5.50 -16.94 14.79
CA VAL B 36 4.53 -17.42 13.80
C VAL B 36 4.64 -18.93 13.55
N ASN B 37 3.55 -19.51 13.04
CA ASN B 37 3.56 -20.88 12.55
C ASN B 37 3.57 -20.85 11.02
N LEU B 38 4.69 -21.26 10.43
CA LEU B 38 4.87 -21.18 8.99
C LEU B 38 4.77 -22.52 8.27
N VAL B 39 4.00 -22.54 7.19
CA VAL B 39 3.98 -23.66 6.25
C VAL B 39 4.60 -23.17 4.94
N LEU B 40 5.75 -23.74 4.60
CA LEU B 40 6.49 -23.31 3.43
C LEU B 40 6.48 -24.37 2.33
N HIS B 41 5.71 -24.09 1.29
CA HIS B 41 5.67 -24.96 0.13
C HIS B 41 6.89 -24.74 -0.75
N TYR B 42 7.40 -25.82 -1.32
CA TYR B 42 8.41 -25.75 -2.37
C TYR B 42 8.09 -26.73 -3.50
N HIS B 43 8.43 -26.33 -4.73
CA HIS B 43 8.09 -27.11 -5.94
C HIS B 43 8.93 -28.37 -6.17
N GLN B 44 10.23 -28.28 -5.93
CA GLN B 44 11.18 -29.31 -6.35
C GLN B 44 11.80 -30.08 -5.19
N ALA B 45 11.77 -31.41 -5.28
CA ALA B 45 12.36 -32.31 -4.28
C ALA B 45 13.88 -32.13 -4.09
N LYS B 46 14.56 -31.68 -5.13
CA LYS B 46 16.00 -31.43 -5.11
C LYS B 46 16.38 -30.20 -4.27
N ASP B 47 15.37 -29.41 -3.92
CA ASP B 47 15.56 -28.21 -3.10
C ASP B 47 15.27 -28.45 -1.61
N SER B 48 15.26 -29.72 -1.20
CA SER B 48 14.95 -30.11 0.17
C SER B 48 16.00 -29.69 1.20
N ASP B 49 17.27 -29.75 0.81
CA ASP B 49 18.36 -29.34 1.71
C ASP B 49 18.46 -27.82 1.87
N THR B 50 17.99 -27.09 0.85
CA THR B 50 17.80 -25.65 0.94
C THR B 50 16.60 -25.34 1.86
N ALA B 51 15.54 -26.13 1.72
CA ALA B 51 14.33 -26.00 2.55
C ALA B 51 14.61 -26.27 4.03
N ASN B 52 15.35 -27.34 4.31
CA ASN B 52 15.73 -27.69 5.68
C ASN B 52 16.69 -26.67 6.29
N LYS B 53 17.54 -26.07 5.46
CA LYS B 53 18.44 -24.99 5.87
C LYS B 53 17.66 -23.75 6.30
N LEU B 54 16.69 -23.35 5.47
CA LEU B 54 15.82 -22.22 5.77
C LEU B 54 14.95 -22.50 7.00
N LYS B 55 14.44 -23.73 7.11
CA LYS B 55 13.67 -24.18 8.26
C LYS B 55 14.49 -24.03 9.54
N ASP B 56 15.74 -24.49 9.50
CA ASP B 56 16.68 -24.35 10.61
C ASP B 56 16.87 -22.91 11.06
N GLU B 57 17.12 -22.00 10.11
CA GLU B 57 17.33 -20.59 10.47
C GLU B 57 16.07 -19.84 10.90
N LEU B 58 14.90 -20.29 10.45
CA LEU B 58 13.63 -19.70 10.89
C LEU B 58 13.20 -20.21 12.26
N GLU B 59 13.56 -21.44 12.58
CA GLU B 59 13.35 -22.01 13.92
C GLU B 59 14.24 -21.30 14.95
N ASP B 60 15.40 -20.84 14.50
CA ASP B 60 16.32 -20.07 15.33
C ASP B 60 15.96 -18.58 15.42
N GLN B 61 14.82 -18.22 14.84
CA GLN B 61 14.21 -16.90 15.01
C GLN B 61 13.08 -16.94 16.05
N GLY B 62 12.52 -18.14 16.28
CA GLY B 62 11.41 -18.33 17.22
C GLY B 62 10.14 -18.89 16.58
N ALA B 63 10.20 -19.17 15.28
CA ALA B 63 9.05 -19.62 14.51
C ALA B 63 9.00 -21.14 14.34
N LYS B 64 7.80 -21.68 14.30
CA LYS B 64 7.59 -23.11 14.02
C LYS B 64 7.37 -23.29 12.51
N VAL B 65 8.05 -24.28 11.93
CA VAL B 65 8.07 -24.45 10.47
C VAL B 65 7.72 -25.88 10.03
N ALA B 66 6.74 -26.00 9.14
CA ALA B 66 6.44 -27.27 8.47
C ALA B 66 6.71 -27.13 6.97
N LEU B 67 7.43 -28.08 6.41
CA LEU B 67 7.74 -28.06 4.98
C LEU B 67 6.76 -28.93 4.21
N TYR B 68 6.50 -28.57 2.96
CA TYR B 68 5.60 -29.33 2.11
C TYR B 68 6.02 -29.24 0.66
N GLN B 69 6.52 -30.34 0.10
CA GLN B 69 6.90 -30.38 -1.30
C GLN B 69 5.72 -30.84 -2.16
N SER B 70 5.48 -30.12 -3.25
CA SER B 70 4.43 -30.45 -4.22
C SER B 70 4.68 -29.72 -5.52
N ASP B 71 4.31 -30.36 -6.63
CA ASP B 71 4.33 -29.76 -7.96
C ASP B 71 3.36 -28.57 -8.06
N LEU B 72 2.23 -28.68 -7.36
CA LEU B 72 1.20 -27.63 -7.23
C LEU B 72 0.68 -27.11 -8.59
N SER B 73 0.17 -28.04 -9.40
CA SER B 73 -0.22 -27.75 -10.78
C SER B 73 -1.73 -27.84 -11.05
N ASN B 74 -2.48 -28.39 -10.09
CA ASN B 74 -3.94 -28.45 -10.19
C ASN B 74 -4.60 -28.27 -8.84
N GLU B 75 -5.94 -28.26 -8.84
CA GLU B 75 -6.74 -27.98 -7.63
C GLU B 75 -6.55 -28.99 -6.51
N GLU B 76 -6.39 -30.27 -6.89
CA GLU B 76 -6.19 -31.37 -5.94
C GLU B 76 -4.94 -31.16 -5.08
N GLU B 77 -3.84 -30.76 -5.73
CA GLU B 77 -2.57 -30.53 -5.03
C GLU B 77 -2.58 -29.28 -4.16
N VAL B 78 -3.28 -28.24 -4.63
CA VAL B 78 -3.51 -27.02 -3.85
C VAL B 78 -4.40 -27.30 -2.63
N ALA B 79 -5.44 -28.13 -2.81
CA ALA B 79 -6.30 -28.56 -1.71
C ALA B 79 -5.51 -29.30 -0.63
N LYS B 80 -4.61 -30.17 -1.07
CA LYS B 80 -3.72 -30.95 -0.19
C LYS B 80 -2.74 -30.11 0.61
N LEU B 81 -2.22 -29.03 0.02
CA LEU B 81 -1.33 -28.11 0.72
C LEU B 81 -2.03 -27.50 1.93
N PHE B 82 -3.24 -27.02 1.70
CA PHE B 82 -4.01 -26.40 2.76
C PHE B 82 -4.58 -27.41 3.76
N ASP B 83 -4.87 -28.63 3.32
CA ASP B 83 -5.26 -29.71 4.22
C ASP B 83 -4.12 -30.04 5.17
N PHE B 84 -2.90 -30.13 4.62
CA PHE B 84 -1.68 -30.30 5.39
C PHE B 84 -1.48 -29.20 6.43
N ALA B 85 -1.62 -27.95 5.99
CA ALA B 85 -1.47 -26.78 6.87
C ALA B 85 -2.46 -26.79 8.04
N GLU B 86 -3.72 -27.09 7.74
CA GLU B 86 -4.78 -27.20 8.76
C GLU B 86 -4.54 -28.35 9.75
N LYS B 87 -4.00 -29.46 9.25
CA LYS B 87 -3.65 -30.62 10.07
C LYS B 87 -2.53 -30.28 11.05
N GLU B 88 -1.46 -29.66 10.55
CA GLU B 88 -0.30 -29.35 11.38
C GLU B 88 -0.50 -28.20 12.36
N PHE B 89 -1.27 -27.18 11.98
CA PHE B 89 -1.30 -25.93 12.74
C PHE B 89 -2.68 -25.40 13.11
N GLY B 90 -3.73 -25.94 12.49
CA GLY B 90 -5.06 -25.34 12.61
C GLY B 90 -5.30 -24.39 11.45
N LYS B 91 -6.37 -23.61 11.53
CA LYS B 91 -6.81 -22.74 10.44
C LYS B 91 -5.84 -21.60 10.08
N VAL B 92 -5.72 -21.33 8.79
CA VAL B 92 -4.76 -20.38 8.23
C VAL B 92 -5.19 -18.93 8.52
N ASP B 93 -4.22 -18.07 8.81
CA ASP B 93 -4.49 -16.65 8.96
C ASP B 93 -4.04 -15.84 7.75
N ILE B 94 -2.94 -16.26 7.13
CA ILE B 94 -2.31 -15.54 6.04
C ILE B 94 -1.82 -16.54 5.01
N ALA B 95 -2.23 -16.37 3.75
CA ALA B 95 -1.78 -17.23 2.67
C ALA B 95 -1.14 -16.41 1.55
N ILE B 96 0.13 -16.69 1.25
CA ILE B 96 0.84 -15.97 0.20
C ILE B 96 1.19 -16.89 -0.97
N ASN B 97 0.79 -16.48 -2.18
CA ASN B 97 1.22 -17.16 -3.40
C ASN B 97 2.26 -16.31 -4.14
N THR B 98 3.53 -16.66 -3.98
CA THR B 98 4.64 -15.89 -4.55
C THR B 98 5.05 -16.32 -5.95
N VAL B 99 4.86 -17.60 -6.24
CA VAL B 99 5.76 -18.30 -7.15
C VAL B 99 5.27 -18.46 -8.61
N GLY B 100 4.71 -19.61 -8.94
CA GLY B 100 4.52 -20.00 -10.33
C GLY B 100 5.61 -20.97 -10.77
N LYS B 101 5.24 -21.91 -11.63
CA LYS B 101 6.17 -22.90 -12.17
C LYS B 101 7.29 -22.24 -12.97
N VAL B 102 8.53 -22.47 -12.54
CA VAL B 102 9.71 -21.82 -13.12
C VAL B 102 10.20 -22.46 -14.42
N LEU B 103 11.29 -21.91 -14.97
CA LEU B 103 11.86 -22.35 -16.23
C LEU B 103 12.91 -23.45 -16.06
N LYS B 104 12.71 -24.55 -16.78
CA LYS B 104 13.71 -25.61 -16.88
C LYS B 104 14.62 -25.29 -18.08
N LYS B 105 13.97 -25.04 -19.22
CA LYS B 105 14.64 -24.70 -20.47
C LYS B 105 15.06 -23.23 -20.42
N PRO B 106 16.20 -22.89 -21.06
CA PRO B 106 16.59 -21.48 -21.19
C PRO B 106 15.58 -20.64 -21.98
N ILE B 107 15.59 -19.33 -21.73
CA ILE B 107 14.70 -18.34 -22.36
C ILE B 107 14.80 -18.35 -23.90
N VAL B 108 16.03 -18.47 -24.40
CA VAL B 108 16.34 -18.50 -25.82
C VAL B 108 15.74 -19.72 -26.54
N GLU B 109 15.59 -20.83 -25.81
CA GLU B 109 15.02 -22.06 -26.36
C GLU B 109 13.51 -22.18 -26.16
N THR B 110 12.90 -21.15 -25.58
CA THR B 110 11.48 -21.19 -25.27
C THR B 110 10.67 -20.25 -26.17
N SER B 111 9.61 -20.78 -26.76
CA SER B 111 8.75 -20.00 -27.64
C SER B 111 7.68 -19.25 -26.84
N GLU B 112 7.05 -18.26 -27.48
CA GLU B 112 5.98 -17.46 -26.87
C GLU B 112 4.77 -18.30 -26.45
N ALA B 113 4.47 -19.32 -27.24
CA ALA B 113 3.39 -20.27 -26.94
C ALA B 113 3.63 -21.05 -25.64
N GLU B 114 4.88 -21.44 -25.41
CA GLU B 114 5.26 -22.15 -24.20
C GLU B 114 5.24 -21.26 -22.94
N PHE B 115 5.58 -19.98 -23.10
CA PHE B 115 5.49 -19.02 -22.01
C PHE B 115 4.03 -18.77 -21.65
N ASP B 116 3.20 -18.64 -22.68
CA ASP B 116 1.77 -18.40 -22.54
C ASP B 116 1.06 -19.56 -21.84
N ALA B 117 1.48 -20.78 -22.14
CA ALA B 117 0.92 -21.98 -21.52
C ALA B 117 1.38 -22.13 -20.06
N MET B 118 2.58 -21.63 -19.77
CA MET B 118 3.10 -21.57 -18.40
C MET B 118 2.34 -20.54 -17.55
N ASP B 119 2.02 -19.39 -18.15
CA ASP B 119 1.19 -18.37 -17.51
C ASP B 119 -0.23 -18.84 -17.23
N THR B 120 -0.81 -19.61 -18.16
CA THR B 120 -2.17 -20.14 -18.04
C THR B 120 -2.32 -21.11 -16.86
N ILE B 121 -1.33 -22.00 -16.70
CA ILE B 121 -1.30 -22.94 -15.58
C ILE B 121 -1.09 -22.18 -14.26
N ASN B 122 -0.16 -21.22 -14.25
CA ASN B 122 0.03 -20.31 -13.12
C ASN B 122 -1.20 -19.53 -12.70
N ASN B 123 -1.92 -18.98 -13.68
CA ASN B 123 -3.18 -18.27 -13.44
C ASN B 123 -4.26 -19.15 -12.83
N LYS B 124 -4.32 -20.39 -13.31
CA LYS B 124 -5.29 -21.38 -12.85
C LYS B 124 -5.01 -21.79 -11.40
N VAL B 125 -3.72 -22.05 -11.10
CA VAL B 125 -3.26 -22.41 -9.76
C VAL B 125 -3.49 -21.24 -8.78
N ALA B 126 -3.27 -20.02 -9.26
CA ALA B 126 -3.56 -18.80 -8.49
C ALA B 126 -5.03 -18.69 -8.09
N TYR B 127 -5.92 -19.02 -9.03
CA TYR B 127 -7.35 -19.11 -8.73
C TYR B 127 -7.63 -20.17 -7.67
N PHE B 128 -7.07 -21.37 -7.86
CA PHE B 128 -7.22 -22.47 -6.92
C PHE B 128 -6.63 -22.17 -5.55
N PHE B 129 -5.52 -21.41 -5.52
CA PHE B 129 -4.87 -21.03 -4.27
C PHE B 129 -5.80 -20.16 -3.42
N ILE B 130 -6.41 -19.15 -4.03
CA ILE B 130 -7.31 -18.26 -3.32
C ILE B 130 -8.56 -19.02 -2.86
N LYS B 131 -9.09 -19.87 -3.73
CA LYS B 131 -10.28 -20.64 -3.42
C LYS B 131 -10.06 -21.63 -2.26
N GLN B 132 -8.92 -22.31 -2.26
CA GLN B 132 -8.62 -23.29 -1.21
C GLN B 132 -8.07 -22.71 0.08
N ALA B 133 -7.46 -21.53 0.01
CA ALA B 133 -7.05 -20.80 1.22
C ALA B 133 -8.29 -20.36 1.99
N ALA B 134 -9.27 -19.82 1.27
CA ALA B 134 -10.51 -19.31 1.85
C ALA B 134 -11.29 -20.36 2.65
N LYS B 135 -11.25 -21.61 2.18
CA LYS B 135 -11.96 -22.73 2.80
C LYS B 135 -11.33 -23.21 4.12
N HIS B 136 -10.07 -22.81 4.35
CA HIS B 136 -9.30 -23.23 5.52
C HIS B 136 -8.88 -22.07 6.41
N MET B 137 -9.57 -20.93 6.28
CA MET B 137 -9.11 -19.67 6.88
C MET B 137 -9.92 -19.25 8.13
N ASN B 138 -9.23 -18.61 9.08
CA ASN B 138 -9.87 -17.95 10.22
C ASN B 138 -10.57 -16.67 9.75
N PRO B 139 -11.48 -16.10 10.57
CA PRO B 139 -11.92 -14.73 10.28
C PRO B 139 -10.75 -13.75 10.41
N ASN B 140 -10.83 -12.65 9.65
CA ASN B 140 -9.72 -11.67 9.53
C ASN B 140 -8.44 -12.20 8.87
N GLY B 141 -8.61 -13.18 7.99
CA GLY B 141 -7.51 -13.73 7.24
C GLY B 141 -7.07 -12.85 6.08
N HIS B 142 -5.90 -13.15 5.53
CA HIS B 142 -5.35 -12.39 4.40
C HIS B 142 -4.86 -13.32 3.31
N ILE B 143 -5.33 -13.13 2.09
CA ILE B 143 -4.79 -13.85 0.93
C ILE B 143 -4.06 -12.85 0.03
N ILE B 144 -2.80 -13.11 -0.26
CA ILE B 144 -1.99 -12.27 -1.14
C ILE B 144 -1.38 -13.09 -2.27
N THR B 145 -1.54 -12.62 -3.50
CA THR B 145 -0.90 -13.27 -4.65
C THR B 145 0.09 -12.30 -5.29
N ILE B 146 1.29 -12.80 -5.61
CA ILE B 146 2.28 -12.02 -6.33
C ILE B 146 2.10 -12.27 -7.83
N ALA B 147 1.60 -11.24 -8.53
CA ALA B 147 1.22 -11.34 -9.93
C ALA B 147 2.36 -11.00 -10.90
N THR B 148 2.94 -12.03 -11.48
CA THR B 148 3.96 -11.87 -12.53
C THR B 148 3.54 -12.61 -13.79
N SER B 149 4.08 -12.19 -14.92
CA SER B 149 3.81 -12.85 -16.19
C SER B 149 5.12 -13.18 -16.91
N LEU B 150 5.28 -14.45 -17.26
CA LEU B 150 6.48 -14.92 -17.95
C LEU B 150 6.54 -14.42 -19.39
N LEU B 151 5.38 -14.25 -20.02
CA LEU B 151 5.29 -13.65 -21.35
C LEU B 151 5.69 -12.17 -21.34
N ALA B 152 5.20 -11.43 -20.36
CA ALA B 152 5.57 -10.01 -20.18
C ALA B 152 7.04 -9.83 -19.83
N ALA B 153 7.60 -10.78 -19.07
CA ALA B 153 9.04 -10.78 -18.75
C ALA B 153 9.88 -11.03 -19.99
N TYR B 154 9.38 -11.90 -20.87
CA TYR B 154 10.05 -12.27 -22.10
C TYR B 154 10.00 -11.16 -23.15
N THR B 155 8.82 -10.58 -23.35
CA THR B 155 8.59 -9.55 -24.36
C THR B 155 9.12 -8.19 -23.90
N GLY B 156 8.93 -7.87 -22.62
CA GLY B 156 9.37 -6.60 -22.05
C GLY B 156 8.25 -5.59 -21.95
N PHE B 157 7.05 -6.00 -22.33
CA PHE B 157 5.87 -5.14 -22.30
C PHE B 157 5.11 -5.37 -21.00
N TYR B 158 5.12 -4.37 -20.12
CA TYR B 158 4.51 -4.48 -18.80
C TYR B 158 3.28 -3.56 -18.65
N SER B 159 2.23 -4.09 -18.03
CA SER B 159 1.00 -3.32 -17.77
C SER B 159 1.01 -2.71 -16.38
N THR B 160 0.34 -1.57 -16.22
CA THR B 160 0.27 -0.87 -14.95
C THR B 160 -1.08 -0.16 -14.78
N ALA B 166 -5.63 -8.46 -16.81
CA ALA B 166 -4.86 -9.57 -16.26
C ALA B 166 -5.71 -10.41 -15.33
N PRO B 167 -5.76 -11.74 -15.56
CA PRO B 167 -6.56 -12.72 -14.81
C PRO B 167 -6.47 -12.67 -13.29
N VAL B 168 -5.26 -12.49 -12.74
CA VAL B 168 -5.05 -12.47 -11.28
C VAL B 168 -5.70 -11.27 -10.59
N GLU B 169 -5.64 -10.10 -11.23
CA GLU B 169 -6.39 -8.91 -10.79
C GLU B 169 -7.89 -9.17 -10.74
N HIS B 170 -8.40 -9.88 -11.75
CA HIS B 170 -9.81 -10.26 -11.85
C HIS B 170 -10.20 -11.25 -10.77
N TYR B 171 -9.32 -12.24 -10.55
CA TYR B 171 -9.53 -13.25 -9.50
C TYR B 171 -9.56 -12.60 -8.13
N THR B 172 -8.58 -11.71 -7.90
CA THR B 172 -8.43 -10.97 -6.64
C THR B 172 -9.67 -10.13 -6.32
N ARG B 173 -10.17 -9.42 -7.33
CA ARG B 173 -11.36 -8.56 -7.19
C ARG B 173 -12.63 -9.36 -6.86
N ALA B 174 -12.85 -10.43 -7.63
CA ALA B 174 -14.05 -11.25 -7.48
C ALA B 174 -14.05 -12.03 -6.18
N ALA B 175 -12.88 -12.49 -5.75
CA ALA B 175 -12.76 -13.23 -4.49
C ALA B 175 -13.00 -12.32 -3.28
N SER B 176 -12.50 -11.09 -3.33
CA SER B 176 -12.69 -10.16 -2.21
C SER B 176 -14.16 -9.78 -2.02
N LYS B 177 -14.87 -9.54 -3.12
CA LYS B 177 -16.33 -9.37 -3.12
C LYS B 177 -17.07 -10.58 -2.56
N GLU B 178 -16.67 -11.79 -2.98
CA GLU B 178 -17.25 -13.04 -2.49
C GLU B 178 -17.02 -13.33 -1.00
N LEU B 179 -15.87 -12.91 -0.49
CA LEU B 179 -15.46 -13.26 0.87
C LEU B 179 -15.66 -12.11 1.87
N MET B 180 -16.41 -11.12 1.43
CA MET B 180 -16.68 -9.90 2.20
C MET B 180 -17.31 -10.20 3.57
N LYS B 181 -18.22 -11.18 3.61
CA LYS B 181 -18.93 -11.56 4.83
C LYS B 181 -18.11 -12.47 5.75
N GLN B 182 -17.15 -13.19 5.17
CA GLN B 182 -16.27 -14.07 5.93
C GLN B 182 -15.09 -13.30 6.54
N GLN B 183 -15.01 -12.01 6.21
CA GLN B 183 -13.92 -11.10 6.63
C GLN B 183 -12.53 -11.56 6.22
N ILE B 184 -12.38 -11.89 4.94
CA ILE B 184 -11.07 -12.23 4.38
C ILE B 184 -10.74 -11.18 3.33
N SER B 185 -9.56 -10.56 3.47
CA SER B 185 -9.05 -9.68 2.44
C SER B 185 -8.36 -10.50 1.36
N VAL B 186 -8.51 -10.08 0.12
CA VAL B 186 -7.84 -10.74 -1.01
C VAL B 186 -7.17 -9.62 -1.82
N ASN B 187 -5.85 -9.69 -1.94
CA ASN B 187 -5.05 -8.65 -2.59
C ASN B 187 -3.98 -9.24 -3.48
N ALA B 188 -3.49 -8.44 -4.43
CA ALA B 188 -2.39 -8.83 -5.29
C ALA B 188 -1.30 -7.76 -5.35
N ILE B 189 -0.06 -8.21 -5.57
CA ILE B 189 1.05 -7.30 -5.80
C ILE B 189 1.64 -7.65 -7.16
N ALA B 190 1.65 -6.67 -8.07
CA ALA B 190 2.30 -6.82 -9.37
C ALA B 190 3.62 -6.05 -9.38
N PRO B 191 4.75 -6.77 -9.19
CA PRO B 191 6.05 -6.12 -9.24
C PRO B 191 6.43 -5.76 -10.68
N GLY B 192 7.37 -4.85 -10.84
CA GLY B 192 7.94 -4.56 -12.15
C GLY B 192 8.97 -5.61 -12.52
N PRO B 193 9.62 -5.44 -13.69
CA PRO B 193 10.70 -6.34 -14.12
C PRO B 193 11.68 -6.66 -12.99
N MET B 194 11.74 -7.94 -12.63
CA MET B 194 12.76 -8.42 -11.70
C MET B 194 13.86 -9.08 -12.55
N ASP B 195 14.84 -9.69 -11.89
CA ASP B 195 15.96 -10.34 -12.60
C ASP B 195 15.50 -11.61 -13.30
N THR B 196 16.26 -12.03 -14.32
CA THR B 196 15.95 -13.23 -15.10
C THR B 196 16.10 -14.55 -14.32
N SER B 197 16.84 -14.51 -13.21
CA SER B 197 17.06 -15.68 -12.36
C SER B 197 15.84 -16.07 -11.51
N PHE B 198 14.88 -15.16 -11.40
CA PHE B 198 13.63 -15.41 -10.66
C PHE B 198 12.66 -16.24 -11.49
N ASN B 218 19.91 1.56 -11.46
CA ASN B 218 19.15 0.35 -11.75
C ASN B 218 17.65 0.60 -11.86
N GLN B 219 17.00 -0.10 -12.79
CA GLN B 219 15.57 0.05 -13.04
C GLN B 219 14.76 -1.17 -12.58
N LEU B 220 15.46 -2.21 -12.14
CA LEU B 220 14.82 -3.48 -11.76
C LEU B 220 14.23 -3.44 -10.36
N THR B 221 13.10 -4.12 -10.21
CA THR B 221 12.46 -4.33 -8.92
C THR B 221 13.21 -5.40 -8.15
N LYS B 222 13.62 -5.08 -6.93
CA LYS B 222 14.26 -6.04 -6.05
C LYS B 222 13.19 -6.69 -5.20
N ILE B 223 13.44 -7.92 -4.75
CA ILE B 223 12.52 -8.62 -3.84
C ILE B 223 12.50 -7.98 -2.45
N GLU B 224 13.53 -7.21 -2.13
CA GLU B 224 13.67 -6.56 -0.82
C GLU B 224 12.72 -5.38 -0.67
N ASP B 225 12.20 -4.92 -1.80
CA ASP B 225 11.19 -3.86 -1.86
C ASP B 225 9.76 -4.41 -1.94
N ILE B 226 9.61 -5.72 -2.06
CA ILE B 226 8.29 -6.36 -2.24
C ILE B 226 7.77 -7.06 -1.00
N ALA B 227 8.66 -7.78 -0.31
CA ALA B 227 8.33 -8.46 0.95
C ALA B 227 7.82 -7.55 2.10
N PRO B 228 8.37 -6.32 2.27
CA PRO B 228 7.73 -5.37 3.19
C PRO B 228 6.29 -4.97 2.86
N ILE B 229 5.92 -4.95 1.57
CA ILE B 229 4.53 -4.69 1.14
C ILE B 229 3.60 -5.85 1.49
N ILE B 230 4.12 -7.08 1.39
CA ILE B 230 3.38 -8.27 1.83
C ILE B 230 3.10 -8.17 3.34
N LYS B 231 4.15 -7.91 4.12
CA LYS B 231 4.03 -7.80 5.58
C LYS B 231 3.09 -6.66 6.02
N PHE B 232 3.17 -5.52 5.33
CA PHE B 232 2.31 -4.36 5.60
C PHE B 232 0.83 -4.61 5.36
N LEU B 233 0.50 -5.25 4.23
CA LEU B 233 -0.89 -5.58 3.88
C LEU B 233 -1.56 -6.49 4.92
N THR B 234 -0.77 -7.37 5.54
CA THR B 234 -1.28 -8.27 6.57
C THR B 234 -1.42 -7.60 7.93
N THR B 235 -0.83 -6.43 8.09
CA THR B 235 -0.80 -5.75 9.39
C THR B 235 -1.52 -4.39 9.37
N ASP B 236 -0.77 -3.32 9.20
CA ASP B 236 -1.32 -1.96 9.22
C ASP B 236 -2.04 -1.56 7.92
N GLY B 237 -1.85 -2.34 6.86
CA GLY B 237 -2.54 -2.14 5.57
C GLY B 237 -3.75 -3.04 5.39
N TRP B 238 -4.29 -3.52 6.51
CA TRP B 238 -5.40 -4.47 6.55
C TRP B 238 -6.69 -3.97 5.88
N TRP B 239 -6.85 -2.65 5.82
CA TRP B 239 -8.02 -2.03 5.20
C TRP B 239 -7.97 -2.05 3.66
N ILE B 240 -6.77 -2.26 3.10
CA ILE B 240 -6.65 -2.43 1.65
C ILE B 240 -7.23 -3.79 1.27
N ASN B 241 -8.25 -3.77 0.41
CA ASN B 241 -8.96 -4.99 0.05
C ASN B 241 -9.42 -4.95 -1.40
N GLY B 242 -9.20 -6.05 -2.10
CA GLY B 242 -9.63 -6.19 -3.49
C GLY B 242 -8.69 -5.59 -4.50
N GLN B 243 -7.53 -5.13 -4.04
CA GLN B 243 -6.65 -4.32 -4.85
C GLN B 243 -5.48 -5.07 -5.45
N THR B 244 -4.97 -4.56 -6.56
CA THR B 244 -3.70 -4.99 -7.10
C THR B 244 -2.75 -3.81 -7.00
N ILE B 245 -1.70 -3.97 -6.20
CA ILE B 245 -0.72 -2.91 -6.01
C ILE B 245 0.43 -3.11 -7.00
N PHE B 246 0.64 -2.09 -7.82
CA PHE B 246 1.73 -2.08 -8.78
C PHE B 246 2.95 -1.43 -8.14
N ALA B 247 3.99 -2.24 -7.93
CA ALA B 247 5.21 -1.79 -7.27
C ALA B 247 6.40 -1.95 -8.22
N ASN B 248 6.67 -0.89 -8.98
CA ASN B 248 7.64 -0.94 -10.08
C ASN B 248 8.64 0.20 -10.08
N GLY B 249 8.56 1.06 -9.07
CA GLY B 249 9.45 2.21 -8.98
C GLY B 249 9.07 3.33 -9.92
N GLY B 250 7.93 3.19 -10.58
CA GLY B 250 7.45 4.17 -11.56
C GLY B 250 7.90 3.88 -12.98
N TYR B 251 8.62 2.78 -13.16
CA TYR B 251 9.15 2.40 -14.46
C TYR B 251 8.11 1.65 -15.31
#